data_3PYY
#
_entry.id   3PYY
#
_cell.length_a   74.391
_cell.length_b   95.432
_cell.length_c   115.502
_cell.angle_alpha   90.00
_cell.angle_beta   90.00
_cell.angle_gamma   90.00
#
_symmetry.space_group_name_H-M   'P 21 21 21'
#
loop_
_entity.id
_entity.type
_entity.pdbx_description
1 polymer 'Tyrosine-protein kinase ABL1'
2 non-polymer 'SULFATE ION'
3 non-polymer 4-(4-METHYL-PIPERAZIN-1-YLMETHYL)-N-[4-METHYL-3-(4-PYRIDIN-3-YL-PYRIMIDIN-2-YLAMINO)-PHENYL]-BENZAMIDE
4 non-polymer (5R)-5-[3-(4-fluorophenyl)-1-phenyl-1H-pyrazol-4-yl]imidazolidine-2,4-dione
5 non-polymer 'NONAETHYLENE GLYCOL'
6 non-polymer GLYCEROL
7 water water
#
_entity_poly.entity_id   1
_entity_poly.type   'polypeptide(L)'
_entity_poly.pdbx_seq_one_letter_code
;MHHHHHHENLYFQGSPNYDKWEMERTDITMKHKLGGGQYGEVYEGVWKKYSLTVAVKTLKEDTMEVEEFLKEAAVMKEIK
HPNLVQLLGVCTREPPFYIITEFMTYGNLLDYLRECNRQEVNAVVLLYMATQISSAMEYLEKKNFIHRDLAARNCLVGEN
HLVKVADFGLSRLMTGDTYTAHAGAKFPIKWTAPESLAYNKFSIKSDVWAFGVLLWEIATYGMSPYPGIDLSQVYELLEK
DYRMERPEGCPEKVYELMRACWQWNPSDRPSFAEIHQAFETMFQESSISDEVEKELGK
;
_entity_poly.pdbx_strand_id   A,B
#
loop_
_chem_comp.id
_chem_comp.type
_chem_comp.name
_chem_comp.formula
2PE non-polymer 'NONAETHYLENE GLYCOL' 'C18 H38 O10'
3YY non-polymer (5R)-5-[3-(4-fluorophenyl)-1-phenyl-1H-pyrazol-4-yl]imidazolidine-2,4-dione 'C18 H13 F N4 O2'
GOL non-polymer GLYCEROL 'C3 H8 O3'
SO4 non-polymer 'SULFATE ION' 'O4 S -2'
STI non-polymer 4-(4-METHYL-PIPERAZIN-1-YLMETHYL)-N-[4-METHYL-3-(4-PYRIDIN-3-YL-PYRIMIDIN-2-YLAMINO)-PHENYL]-BENZAMIDE 'C29 H31 N7 O'
#
# COMPACT_ATOMS: atom_id res chain seq x y z
N TYR A 18 8.26 -22.25 -22.63
CA TYR A 18 7.99 -21.23 -21.61
C TYR A 18 7.90 -19.85 -22.25
N ASP A 19 6.83 -19.12 -21.95
CA ASP A 19 6.62 -17.80 -22.55
C ASP A 19 7.16 -16.65 -21.69
N LYS A 20 6.78 -15.44 -22.06
CA LYS A 20 7.27 -14.23 -21.40
C LYS A 20 6.78 -14.10 -19.96
N TRP A 21 5.82 -14.93 -19.58
CA TRP A 21 5.25 -14.86 -18.23
C TRP A 21 6.04 -15.69 -17.24
N GLU A 22 6.81 -16.66 -17.74
CA GLU A 22 7.55 -17.55 -16.87
C GLU A 22 8.54 -16.74 -16.03
N MET A 23 8.49 -16.92 -14.71
CA MET A 23 9.55 -16.33 -13.89
C MET A 23 10.28 -17.37 -13.05
N GLU A 24 11.51 -17.05 -12.66
CA GLU A 24 12.30 -17.98 -11.88
C GLU A 24 11.74 -18.05 -10.48
N ARG A 25 11.60 -19.28 -9.98
CA ARG A 25 11.10 -19.53 -8.64
C ARG A 25 11.82 -18.66 -7.60
N THR A 26 13.12 -18.50 -7.80
CA THR A 26 13.95 -17.83 -6.82
C THR A 26 13.72 -16.31 -6.81
N ASP A 27 12.92 -15.80 -7.75
CA ASP A 27 12.57 -14.39 -7.78
C ASP A 27 11.57 -14.04 -6.66
N ILE A 28 10.97 -15.06 -6.08
CA ILE A 28 9.86 -14.88 -5.13
C ILE A 28 10.21 -15.48 -3.78
N THR A 29 10.05 -14.70 -2.72
CA THR A 29 10.14 -15.23 -1.38
C THR A 29 8.75 -15.66 -0.94
N MET A 30 8.59 -16.94 -0.66
CA MET A 30 7.28 -17.44 -0.23
C MET A 30 7.19 -17.29 1.27
N LYS A 31 6.11 -16.67 1.72
CA LYS A 31 5.84 -16.56 3.14
C LYS A 31 4.64 -17.46 3.46
N HIS A 32 3.78 -16.99 4.33
CA HIS A 32 2.75 -17.83 4.92
C HIS A 32 1.53 -17.97 4.01
N LYS A 33 0.73 -18.99 4.26
CA LYS A 33 -0.54 -19.10 3.58
C LYS A 33 -1.34 -17.84 3.86
N LEU A 34 -2.03 -17.36 2.84
CA LEU A 34 -2.77 -16.11 2.93
C LEU A 34 -4.11 -16.38 3.60
N GLY A 35 -4.33 -15.77 4.77
CA GLY A 35 -5.60 -15.85 5.46
C GLY A 35 -5.99 -17.22 5.98
N GLY A 36 -5.01 -17.97 6.49
CA GLY A 36 -5.26 -19.26 7.11
C GLY A 36 -6.14 -20.21 6.32
N GLY A 37 -5.91 -20.30 5.01
CA GLY A 37 -6.63 -21.25 4.17
C GLY A 37 -7.92 -20.70 3.61
N GLN A 38 -8.26 -19.49 4.03
CA GLN A 38 -9.44 -18.81 3.54
C GLN A 38 -9.50 -18.87 2.01
N TYR A 39 -8.33 -18.84 1.38
CA TYR A 39 -8.23 -18.79 -0.08
C TYR A 39 -7.70 -20.06 -0.70
N GLY A 40 -7.60 -21.11 0.10
CA GLY A 40 -7.04 -22.36 -0.39
C GLY A 40 -5.53 -22.25 -0.41
N GLU A 41 -4.91 -22.82 -1.44
CA GLU A 41 -3.45 -22.83 -1.54
C GLU A 41 -2.93 -21.51 -2.11
N VAL A 42 -3.18 -20.42 -1.40
CA VAL A 42 -2.66 -19.12 -1.83
C VAL A 42 -1.75 -18.59 -0.73
N TYR A 43 -0.59 -18.08 -1.13
CA TYR A 43 0.43 -17.67 -0.19
C TYR A 43 0.80 -16.22 -0.42
N GLU A 44 1.14 -15.53 0.66
CA GLU A 44 1.69 -14.21 0.53
C GLU A 44 3.18 -14.38 0.21
N GLY A 45 3.67 -13.62 -0.77
CA GLY A 45 5.06 -13.74 -1.17
C GLY A 45 5.65 -12.36 -1.37
N VAL A 46 6.92 -12.31 -1.73
CA VAL A 46 7.56 -11.04 -2.04
C VAL A 46 8.24 -11.15 -3.41
N TRP A 47 8.00 -10.20 -4.29
CA TRP A 47 8.73 -10.17 -5.54
C TRP A 47 9.98 -9.36 -5.22
N LYS A 48 11.06 -10.07 -4.96
CA LYS A 48 12.22 -9.47 -4.33
C LYS A 48 12.78 -8.27 -5.07
N LYS A 49 12.96 -8.37 -6.38
CA LYS A 49 13.68 -7.31 -7.12
C LYS A 49 12.99 -5.96 -7.06
N TYR A 50 11.67 -5.98 -6.92
CA TYR A 50 10.88 -4.75 -6.84
C TYR A 50 10.33 -4.44 -5.45
N SER A 51 10.68 -5.25 -4.46
CA SER A 51 10.20 -5.07 -3.09
C SER A 51 8.68 -4.97 -3.02
N LEU A 52 7.99 -5.79 -3.81
CA LEU A 52 6.52 -5.77 -3.83
C LEU A 52 5.94 -7.04 -3.22
N THR A 53 4.91 -6.88 -2.38
CA THR A 53 4.17 -8.02 -1.87
C THR A 53 3.32 -8.60 -3.01
N VAL A 54 3.25 -9.92 -3.11
CA VAL A 54 2.46 -10.56 -4.15
C VAL A 54 1.63 -11.68 -3.54
N ALA A 55 0.63 -12.16 -4.30
CA ALA A 55 -0.12 -13.35 -3.89
C ALA A 55 0.29 -14.47 -4.83
N VAL A 56 0.45 -15.68 -4.29
CA VAL A 56 0.92 -16.79 -5.12
C VAL A 56 -0.01 -17.97 -4.94
N LYS A 57 -0.69 -18.36 -6.01
CA LYS A 57 -1.54 -19.53 -5.99
C LYS A 57 -0.74 -20.74 -6.43
N THR A 58 -0.83 -21.82 -5.67
CA THR A 58 -0.09 -23.01 -6.00
C THR A 58 -1.01 -24.22 -6.18
N LEU A 59 -0.49 -25.24 -6.83
CA LEU A 59 -1.26 -26.44 -7.10
C LEU A 59 -0.83 -27.53 -6.13
N LYS A 60 -1.71 -27.81 -5.16
CA LYS A 60 -1.45 -28.78 -4.09
C LYS A 60 0.04 -29.12 -3.94
N GLU A 65 -6.31 -31.76 -12.29
CA GLU A 65 -6.34 -30.47 -11.63
C GLU A 65 -5.47 -29.46 -12.37
N VAL A 66 -4.38 -29.96 -12.97
CA VAL A 66 -3.41 -29.13 -13.66
C VAL A 66 -3.98 -28.43 -14.89
N GLU A 67 -4.92 -29.10 -15.56
CA GLU A 67 -5.56 -28.52 -16.74
C GLU A 67 -6.28 -27.23 -16.39
N GLU A 68 -7.10 -27.27 -15.35
CA GLU A 68 -7.86 -26.11 -14.94
C GLU A 68 -6.93 -25.00 -14.45
N PHE A 69 -5.91 -25.39 -13.71
CA PHE A 69 -4.91 -24.45 -13.20
C PHE A 69 -4.31 -23.69 -14.37
N LEU A 70 -3.79 -24.42 -15.35
CA LEU A 70 -3.17 -23.80 -16.50
C LEU A 70 -4.13 -22.98 -17.34
N LYS A 71 -5.40 -23.40 -17.39
CA LYS A 71 -6.39 -22.64 -18.14
C LYS A 71 -6.61 -21.27 -17.50
N GLU A 72 -6.57 -21.24 -16.17
CA GLU A 72 -6.70 -19.96 -15.46
C GLU A 72 -5.56 -19.02 -15.83
N ALA A 73 -4.33 -19.52 -15.80
CA ALA A 73 -3.19 -18.68 -16.14
C ALA A 73 -3.33 -18.14 -17.54
N ALA A 74 -3.80 -18.99 -18.45
CA ALA A 74 -3.97 -18.57 -19.85
C ALA A 74 -4.98 -17.42 -19.99
N VAL A 75 -6.09 -17.52 -19.27
CA VAL A 75 -7.07 -16.43 -19.25
C VAL A 75 -6.42 -15.15 -18.74
N MET A 76 -5.72 -15.26 -17.61
CA MET A 76 -5.15 -14.06 -16.99
C MET A 76 -4.12 -13.34 -17.85
N LYS A 77 -3.42 -14.07 -18.71
CA LYS A 77 -2.45 -13.46 -19.61
C LYS A 77 -3.12 -12.52 -20.60
N GLU A 78 -4.43 -12.69 -20.80
CA GLU A 78 -5.18 -11.88 -21.78
C GLU A 78 -5.84 -10.67 -21.14
N ILE A 79 -5.71 -10.54 -19.83
CA ILE A 79 -6.41 -9.48 -19.11
C ILE A 79 -5.45 -8.45 -18.53
N LYS A 80 -5.60 -7.21 -18.95
CA LYS A 80 -4.77 -6.13 -18.42
C LYS A 80 -5.61 -4.87 -18.27
N HIS A 81 -5.95 -4.52 -17.04
CA HIS A 81 -6.76 -3.34 -16.77
C HIS A 81 -6.47 -2.92 -15.34
N PRO A 82 -6.46 -1.61 -15.07
CA PRO A 82 -6.07 -1.21 -13.71
C PRO A 82 -7.03 -1.73 -12.63
N ASN A 83 -8.26 -2.08 -13.00
CA ASN A 83 -9.22 -2.53 -11.99
C ASN A 83 -9.51 -4.01 -12.05
N LEU A 84 -8.61 -4.77 -12.68
CA LEU A 84 -8.62 -6.22 -12.64
C LEU A 84 -7.32 -6.70 -11.97
N VAL A 85 -7.38 -7.75 -11.16
CA VAL A 85 -6.18 -8.28 -10.53
C VAL A 85 -5.18 -8.63 -11.64
N GLN A 86 -3.93 -8.24 -11.46
CA GLN A 86 -2.93 -8.35 -12.52
C GLN A 86 -2.00 -9.52 -12.31
N LEU A 87 -1.96 -10.43 -13.29
CA LEU A 87 -0.96 -11.48 -13.36
C LEU A 87 0.43 -10.86 -13.46
N LEU A 88 1.36 -11.36 -12.66
CA LEU A 88 2.75 -10.89 -12.70
C LEU A 88 3.68 -11.96 -13.28
N GLY A 89 3.33 -13.22 -13.11
CA GLY A 89 4.17 -14.30 -13.61
C GLY A 89 3.60 -15.66 -13.29
N VAL A 90 4.22 -16.70 -13.85
CA VAL A 90 3.87 -18.07 -13.51
C VAL A 90 5.15 -18.87 -13.36
N CYS A 91 5.08 -19.98 -12.62
CA CYS A 91 6.16 -20.96 -12.55
C CYS A 91 5.58 -22.30 -12.97
N THR A 92 6.02 -22.80 -14.12
CA THR A 92 5.41 -23.99 -14.68
C THR A 92 6.44 -25.06 -15.11
N ARG A 93 7.71 -24.87 -14.73
CA ARG A 93 8.78 -25.78 -15.15
C ARG A 93 8.80 -27.07 -14.33
N GLU A 94 8.57 -26.96 -13.04
CA GLU A 94 8.40 -28.14 -12.20
C GLU A 94 7.42 -27.83 -11.10
N PRO A 95 6.81 -28.87 -10.54
CA PRO A 95 5.83 -28.66 -9.47
C PRO A 95 6.55 -28.24 -8.20
N PRO A 96 5.85 -27.50 -7.33
CA PRO A 96 4.46 -27.09 -7.56
C PRO A 96 4.38 -25.89 -8.51
N PHE A 97 3.32 -25.81 -9.31
CA PHE A 97 3.18 -24.69 -10.25
C PHE A 97 2.64 -23.48 -9.49
N TYR A 98 3.02 -22.29 -9.94
CA TYR A 98 2.59 -21.05 -9.28
C TYR A 98 1.90 -20.14 -10.28
N ILE A 99 0.86 -19.45 -9.81
CA ILE A 99 0.34 -18.29 -10.51
C ILE A 99 0.55 -17.12 -9.55
N ILE A 100 1.27 -16.10 -10.00
CA ILE A 100 1.64 -14.96 -9.16
C ILE A 100 0.91 -13.68 -9.58
N THR A 101 0.21 -13.05 -8.65
CA THR A 101 -0.46 -11.79 -8.94
C THR A 101 -0.04 -10.75 -7.92
N GLU A 102 -0.45 -9.50 -8.17
CA GLU A 102 -0.27 -8.46 -7.18
C GLU A 102 -1.06 -8.82 -5.92
N PHE A 103 -0.64 -8.21 -4.81
CA PHE A 103 -1.29 -8.35 -3.51
C PHE A 103 -1.91 -7.00 -3.21
N MET A 104 -3.15 -6.99 -2.72
CA MET A 104 -3.80 -5.72 -2.43
C MET A 104 -3.89 -5.46 -0.93
N THR A 105 -3.36 -4.31 -0.53
CA THR A 105 -3.13 -3.96 0.88
C THR A 105 -4.27 -4.29 1.84
N TYR A 106 -5.49 -3.94 1.47
CA TYR A 106 -6.63 -4.03 2.39
C TYR A 106 -7.47 -5.30 2.22
N GLY A 107 -7.07 -6.17 1.30
CA GLY A 107 -7.79 -7.41 1.11
C GLY A 107 -9.19 -7.28 0.53
N ASN A 108 -10.04 -8.27 0.80
CA ASN A 108 -11.32 -8.34 0.08
C ASN A 108 -12.31 -7.27 0.49
N LEU A 109 -13.10 -6.84 -0.49
CA LEU A 109 -13.99 -5.69 -0.35
C LEU A 109 -15.10 -5.94 0.66
N LEU A 110 -15.60 -7.17 0.73
CA LEU A 110 -16.72 -7.45 1.64
C LEU A 110 -16.32 -7.18 3.10
N ASP A 111 -15.21 -7.78 3.53
CA ASP A 111 -14.72 -7.54 4.88
C ASP A 111 -14.30 -6.10 5.07
N TYR A 112 -13.75 -5.50 4.00
CA TYR A 112 -13.34 -4.11 4.07
C TYR A 112 -14.54 -3.21 4.40
N LEU A 113 -15.63 -3.38 3.64
CA LEU A 113 -16.83 -2.58 3.87
C LEU A 113 -17.37 -2.77 5.28
N ARG A 114 -17.35 -4.00 5.75
CA ARG A 114 -17.90 -4.33 7.06
C ARG A 114 -17.10 -3.75 8.23
N GLU A 115 -15.80 -3.55 8.01
CA GLU A 115 -14.90 -3.15 9.10
C GLU A 115 -14.43 -1.71 9.01
N CYS A 116 -14.77 -1.01 7.93
CA CYS A 116 -14.20 0.31 7.70
C CYS A 116 -14.84 1.39 8.56
N ASN A 117 -14.15 2.52 8.66
CA ASN A 117 -14.73 3.72 9.27
C ASN A 117 -15.52 4.44 8.19
N ARG A 118 -16.82 4.60 8.39
CA ARG A 118 -17.70 5.08 7.32
C ARG A 118 -17.64 6.57 7.07
N GLN A 119 -17.02 7.31 7.99
CA GLN A 119 -16.79 8.72 7.78
C GLN A 119 -15.63 8.89 6.81
N GLU A 120 -14.68 7.95 6.87
CA GLU A 120 -13.54 7.92 5.97
C GLU A 120 -13.89 7.30 4.61
N VAL A 121 -14.53 6.14 4.66
CA VAL A 121 -15.02 5.49 3.44
C VAL A 121 -16.44 5.97 3.26
N ASN A 122 -16.58 7.19 2.76
CA ASN A 122 -17.87 7.85 2.74
C ASN A 122 -18.51 7.70 1.37
N ALA A 123 -19.61 8.42 1.14
CA ALA A 123 -20.38 8.23 -0.10
C ALA A 123 -19.58 8.42 -1.37
N VAL A 124 -18.71 9.42 -1.42
CA VAL A 124 -17.91 9.63 -2.63
C VAL A 124 -16.93 8.47 -2.85
N VAL A 125 -16.39 7.91 -1.76
CA VAL A 125 -15.54 6.73 -1.91
C VAL A 125 -16.35 5.55 -2.46
N LEU A 126 -17.57 5.37 -1.95
CA LEU A 126 -18.39 4.25 -2.44
C LEU A 126 -18.66 4.41 -3.93
N LEU A 127 -19.01 5.63 -4.35
CA LEU A 127 -19.21 5.90 -5.79
C LEU A 127 -17.96 5.59 -6.60
N TYR A 128 -16.80 5.94 -6.04
CA TYR A 128 -15.53 5.68 -6.72
C TYR A 128 -15.28 4.17 -6.88
N MET A 129 -15.57 3.42 -5.84
CA MET A 129 -15.40 1.98 -5.90
C MET A 129 -16.33 1.34 -6.93
N ALA A 130 -17.58 1.80 -6.97
CA ALA A 130 -18.55 1.27 -7.94
C ALA A 130 -18.11 1.59 -9.36
N THR A 131 -17.60 2.80 -9.54
CA THR A 131 -17.11 3.25 -10.84
C THR A 131 -15.98 2.36 -11.32
N GLN A 132 -15.03 2.06 -10.43
CA GLN A 132 -13.91 1.21 -10.79
C GLN A 132 -14.34 -0.20 -11.17
N ILE A 133 -15.26 -0.75 -10.39
CA ILE A 133 -15.75 -2.09 -10.67
C ILE A 133 -16.46 -2.14 -12.03
N SER A 134 -17.26 -1.12 -12.33
CA SER A 134 -17.95 -1.10 -13.62
C SER A 134 -16.95 -0.94 -14.77
N SER A 135 -15.85 -0.23 -14.51
CA SER A 135 -14.80 -0.10 -15.51
C SER A 135 -14.16 -1.45 -15.83
N ALA A 136 -13.82 -2.21 -14.78
CA ALA A 136 -13.32 -3.57 -14.97
C ALA A 136 -14.28 -4.42 -15.78
N MET A 137 -15.56 -4.32 -15.45
CA MET A 137 -16.55 -5.17 -16.11
C MET A 137 -16.79 -4.71 -17.54
N GLU A 138 -16.71 -3.41 -17.77
CA GLU A 138 -16.79 -2.88 -19.14
C GLU A 138 -15.68 -3.48 -20.01
N TYR A 139 -14.49 -3.60 -19.41
CA TYR A 139 -13.36 -4.21 -20.10
C TYR A 139 -13.59 -5.68 -20.41
N LEU A 140 -14.10 -6.44 -19.45
CA LEU A 140 -14.34 -7.85 -19.69
C LEU A 140 -15.43 -8.01 -20.75
N GLU A 141 -16.39 -7.11 -20.71
CA GLU A 141 -17.49 -7.06 -21.69
C GLU A 141 -16.94 -6.86 -23.11
N LYS A 142 -16.03 -5.89 -23.26
CA LYS A 142 -15.39 -5.61 -24.54
C LYS A 142 -14.54 -6.79 -25.03
N LYS A 143 -13.96 -7.55 -24.10
CA LYS A 143 -13.10 -8.67 -24.46
C LYS A 143 -13.87 -9.99 -24.59
N ASN A 144 -15.20 -9.92 -24.45
CA ASN A 144 -16.05 -11.11 -24.53
C ASN A 144 -15.77 -12.15 -23.46
N PHE A 145 -15.38 -11.69 -22.28
CA PHE A 145 -15.23 -12.57 -21.13
C PHE A 145 -16.50 -12.51 -20.31
N ILE A 146 -16.74 -13.56 -19.53
CA ILE A 146 -17.81 -13.60 -18.54
C ILE A 146 -17.17 -13.88 -17.20
N HIS A 147 -17.56 -13.16 -16.16
CA HIS A 147 -16.96 -13.39 -14.85
C HIS A 147 -17.55 -14.64 -14.20
N ARG A 148 -18.86 -14.60 -13.98
CA ARG A 148 -19.67 -15.73 -13.48
C ARG A 148 -19.83 -15.75 -11.96
N ASP A 149 -19.03 -14.96 -11.25
CA ASP A 149 -19.16 -14.93 -9.80
C ASP A 149 -18.80 -13.54 -9.26
N LEU A 150 -19.39 -12.50 -9.82
CA LEU A 150 -19.13 -11.15 -9.37
C LEU A 150 -19.84 -10.89 -8.03
N ALA A 151 -19.08 -10.41 -7.05
CA ALA A 151 -19.60 -10.16 -5.71
C ALA A 151 -18.50 -9.42 -4.94
N ALA A 152 -18.85 -8.76 -3.85
CA ALA A 152 -17.86 -8.04 -3.07
C ALA A 152 -16.75 -8.96 -2.56
N ARG A 153 -17.10 -10.20 -2.23
CA ARG A 153 -16.13 -11.18 -1.74
C ARG A 153 -15.03 -11.49 -2.78
N ASN A 154 -15.29 -11.16 -4.03
CA ASN A 154 -14.32 -11.41 -5.11
C ASN A 154 -13.66 -10.13 -5.60
N CYS A 155 -13.76 -9.06 -4.81
CA CYS A 155 -13.06 -7.82 -5.15
C CYS A 155 -12.03 -7.51 -4.08
N LEU A 156 -11.01 -6.74 -4.45
CA LEU A 156 -9.92 -6.40 -3.52
C LEU A 156 -9.78 -4.88 -3.41
N VAL A 157 -9.29 -4.42 -2.27
CA VAL A 157 -9.12 -3.00 -1.99
C VAL A 157 -7.63 -2.71 -1.72
N GLY A 158 -7.12 -1.67 -2.38
CA GLY A 158 -5.74 -1.25 -2.14
C GLY A 158 -5.76 0.14 -1.54
N GLU A 159 -4.58 0.71 -1.33
CA GLU A 159 -4.49 2.05 -0.76
C GLU A 159 -5.07 3.08 -1.73
N ASN A 160 -5.48 4.22 -1.19
CA ASN A 160 -6.11 5.28 -2.00
C ASN A 160 -7.36 4.76 -2.71
N HIS A 161 -8.06 3.84 -2.06
CA HIS A 161 -9.37 3.37 -2.52
C HIS A 161 -9.32 2.69 -3.87
N LEU A 162 -8.16 2.13 -4.24
CA LEU A 162 -8.08 1.34 -5.46
C LEU A 162 -8.93 0.10 -5.28
N VAL A 163 -9.69 -0.29 -6.31
CA VAL A 163 -10.46 -1.53 -6.23
C VAL A 163 -10.19 -2.37 -7.45
N LYS A 164 -9.97 -3.65 -7.24
CA LYS A 164 -9.76 -4.58 -8.35
C LYS A 164 -10.73 -5.74 -8.27
N VAL A 165 -11.25 -6.13 -9.42
CA VAL A 165 -12.10 -7.30 -9.54
C VAL A 165 -11.20 -8.54 -9.67
N ALA A 166 -11.52 -9.59 -8.93
CA ALA A 166 -10.77 -10.84 -9.02
C ALA A 166 -11.75 -12.00 -9.17
N ASP A 167 -11.21 -13.22 -9.12
CA ASP A 167 -12.05 -14.43 -9.06
C ASP A 167 -11.28 -15.49 -8.28
N PHE A 168 -11.63 -15.65 -7.01
CA PHE A 168 -10.88 -16.48 -6.10
C PHE A 168 -11.30 -17.95 -6.11
N GLY A 169 -12.32 -18.30 -6.90
CA GLY A 169 -12.81 -19.67 -6.95
C GLY A 169 -13.34 -20.10 -5.60
N LEU A 170 -14.21 -19.28 -5.03
CA LEU A 170 -14.67 -19.42 -3.65
C LEU A 170 -15.72 -20.48 -3.41
N SER A 171 -16.41 -20.92 -4.47
CA SER A 171 -17.56 -21.81 -4.25
C SER A 171 -17.12 -23.11 -3.59
N ARG A 172 -15.84 -23.45 -3.77
CA ARG A 172 -15.28 -24.67 -3.20
C ARG A 172 -14.39 -24.43 -1.98
N LEU A 173 -14.36 -23.19 -1.48
CA LEU A 173 -13.57 -22.84 -0.31
C LEU A 173 -14.45 -22.32 0.82
N MET A 174 -15.48 -21.56 0.46
CA MET A 174 -16.36 -20.94 1.43
C MET A 174 -17.24 -21.92 2.16
N THR A 175 -17.24 -21.83 3.49
CA THR A 175 -18.18 -22.60 4.31
C THR A 175 -19.35 -21.71 4.66
N GLY A 176 -20.54 -22.30 4.76
CA GLY A 176 -21.73 -21.53 5.09
C GLY A 176 -22.73 -21.48 3.96
N ASP A 177 -23.66 -20.54 4.06
CA ASP A 177 -24.80 -20.51 3.15
C ASP A 177 -24.62 -19.59 1.93
N THR A 178 -23.45 -18.97 1.79
CA THR A 178 -23.20 -18.11 0.64
C THR A 178 -23.37 -18.89 -0.65
N TYR A 179 -22.71 -20.04 -0.72
CA TYR A 179 -22.89 -20.96 -1.84
C TYR A 179 -23.62 -22.18 -1.32
N THR A 180 -24.61 -22.64 -2.07
CA THR A 180 -25.38 -23.81 -1.70
C THR A 180 -25.58 -24.67 -2.93
N ALA A 181 -25.82 -25.96 -2.73
CA ALA A 181 -25.99 -26.88 -3.85
C ALA A 181 -27.18 -26.47 -4.72
N HIS A 182 -27.05 -26.67 -6.02
CA HIS A 182 -28.12 -26.33 -6.95
C HIS A 182 -27.76 -26.85 -8.33
N ALA A 183 -28.68 -27.59 -8.94
CA ALA A 183 -28.42 -28.22 -10.23
C ALA A 183 -27.11 -29.02 -10.17
N GLY A 184 -26.91 -29.71 -9.05
CA GLY A 184 -25.73 -30.53 -8.85
C GLY A 184 -24.44 -29.74 -8.72
N ALA A 185 -24.56 -28.42 -8.68
CA ALA A 185 -23.39 -27.54 -8.55
C ALA A 185 -23.46 -26.68 -7.30
N LYS A 186 -22.58 -25.68 -7.23
CA LYS A 186 -22.56 -24.75 -6.11
C LYS A 186 -22.78 -23.33 -6.63
N PHE A 187 -23.87 -22.70 -6.19
CA PHE A 187 -24.26 -21.37 -6.65
C PHE A 187 -24.36 -20.41 -5.48
N PRO A 188 -23.94 -19.15 -5.68
CA PRO A 188 -24.30 -18.14 -4.69
C PRO A 188 -25.68 -17.63 -5.09
N ILE A 189 -26.72 -18.30 -4.60
CA ILE A 189 -28.08 -18.06 -5.04
C ILE A 189 -28.48 -16.58 -5.07
N LYS A 190 -28.14 -15.83 -4.01
CA LYS A 190 -28.60 -14.44 -3.92
C LYS A 190 -27.90 -13.44 -4.86
N TRP A 191 -26.87 -13.90 -5.57
CA TRP A 191 -26.17 -13.09 -6.57
C TRP A 191 -26.46 -13.58 -7.99
N THR A 192 -27.17 -14.71 -8.10
CA THR A 192 -27.31 -15.40 -9.38
C THR A 192 -28.53 -14.95 -10.19
N ALA A 193 -28.30 -14.58 -11.45
CA ALA A 193 -29.37 -14.16 -12.34
C ALA A 193 -30.38 -15.28 -12.50
N PRO A 194 -31.64 -14.93 -12.73
CA PRO A 194 -32.68 -15.97 -12.78
C PRO A 194 -32.45 -17.01 -13.88
N GLU A 195 -32.03 -16.57 -15.06
CA GLU A 195 -31.77 -17.49 -16.17
C GLU A 195 -30.62 -18.43 -15.87
N SER A 196 -29.69 -18.00 -15.02
CA SER A 196 -28.57 -18.83 -14.64
C SER A 196 -29.08 -19.88 -13.68
N LEU A 197 -29.99 -19.47 -12.81
CA LEU A 197 -30.59 -20.37 -11.85
C LEU A 197 -31.49 -21.40 -12.54
N ALA A 198 -32.22 -20.95 -13.55
CA ALA A 198 -33.25 -21.78 -14.18
C ALA A 198 -32.69 -22.68 -15.28
N TYR A 199 -31.87 -22.11 -16.16
CA TYR A 199 -31.40 -22.82 -17.34
C TYR A 199 -29.88 -22.91 -17.39
N ASN A 200 -29.24 -22.59 -16.28
CA ASN A 200 -27.78 -22.62 -16.19
C ASN A 200 -27.09 -21.82 -17.31
N LYS A 201 -27.74 -20.74 -17.73
CA LYS A 201 -27.20 -19.86 -18.75
C LYS A 201 -26.44 -18.69 -18.13
N PHE A 202 -25.17 -18.56 -18.49
CA PHE A 202 -24.35 -17.44 -18.02
C PHE A 202 -23.92 -16.58 -19.20
N SER A 203 -23.90 -15.27 -19.00
CA SER A 203 -23.46 -14.33 -20.03
C SER A 203 -23.02 -13.05 -19.35
N ILE A 204 -22.57 -12.08 -20.13
CA ILE A 204 -22.19 -10.80 -19.55
C ILE A 204 -23.39 -10.13 -18.90
N LYS A 205 -24.60 -10.48 -19.36
CA LYS A 205 -25.80 -9.93 -18.74
C LYS A 205 -26.12 -10.55 -17.39
N SER A 206 -25.72 -11.80 -17.18
CA SER A 206 -25.87 -12.37 -15.84
C SER A 206 -24.84 -11.76 -14.88
N ASP A 207 -23.69 -11.34 -15.41
CA ASP A 207 -22.73 -10.54 -14.62
C ASP A 207 -23.33 -9.20 -14.25
N VAL A 208 -24.07 -8.59 -15.18
CA VAL A 208 -24.75 -7.31 -14.92
C VAL A 208 -25.73 -7.46 -13.74
N TRP A 209 -26.51 -8.54 -13.76
CA TRP A 209 -27.39 -8.85 -12.62
C TRP A 209 -26.59 -8.90 -11.29
N ALA A 210 -25.52 -9.68 -11.28
CA ALA A 210 -24.66 -9.80 -10.09
C ALA A 210 -24.09 -8.45 -9.69
N PHE A 211 -23.76 -7.62 -10.68
CA PHE A 211 -23.23 -6.30 -10.37
C PHE A 211 -24.27 -5.47 -9.62
N GLY A 212 -25.55 -5.67 -9.93
CA GLY A 212 -26.59 -4.94 -9.21
C GLY A 212 -26.60 -5.33 -7.74
N VAL A 213 -26.42 -6.62 -7.49
CA VAL A 213 -26.36 -7.12 -6.11
C VAL A 213 -25.13 -6.54 -5.42
N LEU A 214 -24.01 -6.49 -6.15
CA LEU A 214 -22.79 -5.88 -5.63
C LEU A 214 -23.00 -4.41 -5.24
N LEU A 215 -23.73 -3.64 -6.07
CA LEU A 215 -24.11 -2.27 -5.69
C LEU A 215 -24.83 -2.22 -4.33
N TRP A 216 -25.71 -3.18 -4.10
CA TRP A 216 -26.47 -3.23 -2.86
C TRP A 216 -25.53 -3.59 -1.69
N GLU A 217 -24.58 -4.48 -1.93
CA GLU A 217 -23.55 -4.77 -0.92
C GLU A 217 -22.78 -3.51 -0.56
N ILE A 218 -22.39 -2.75 -1.57
CA ILE A 218 -21.65 -1.53 -1.33
C ILE A 218 -22.50 -0.52 -0.57
N ALA A 219 -23.75 -0.34 -1.02
CA ALA A 219 -24.68 0.62 -0.42
C ALA A 219 -24.90 0.37 1.08
N THR A 220 -24.89 -0.91 1.47
CA THR A 220 -25.19 -1.29 2.84
C THR A 220 -23.92 -1.55 3.66
N TYR A 221 -22.77 -1.21 3.09
CA TYR A 221 -21.49 -1.52 3.72
C TYR A 221 -21.35 -3.01 4.06
N GLY A 222 -21.77 -3.86 3.13
CA GLY A 222 -21.50 -5.29 3.25
C GLY A 222 -22.54 -6.14 3.95
N MET A 223 -23.80 -5.70 3.99
CA MET A 223 -24.85 -6.58 4.52
C MET A 223 -25.06 -7.75 3.56
N SER A 224 -25.54 -8.87 4.10
CA SER A 224 -25.95 -9.98 3.24
C SER A 224 -27.24 -9.62 2.53
N PRO A 225 -27.34 -9.94 1.23
CA PRO A 225 -28.52 -9.51 0.46
C PRO A 225 -29.79 -10.29 0.83
N TYR A 226 -30.95 -9.77 0.42
CA TYR A 226 -32.25 -10.33 0.82
C TYR A 226 -32.24 -10.72 2.30
N PRO A 227 -31.93 -9.76 3.17
CA PRO A 227 -31.73 -10.12 4.58
C PRO A 227 -32.99 -10.65 5.25
N GLY A 228 -32.87 -11.78 5.96
CA GLY A 228 -34.01 -12.38 6.63
C GLY A 228 -34.92 -13.20 5.72
N ILE A 229 -34.59 -13.27 4.42
CA ILE A 229 -35.38 -14.06 3.48
C ILE A 229 -34.69 -15.39 3.20
N ASP A 230 -35.41 -16.49 3.37
CA ASP A 230 -34.82 -17.83 3.18
C ASP A 230 -34.42 -18.07 1.74
N LEU A 231 -33.32 -18.77 1.52
CA LEU A 231 -32.89 -19.10 0.17
C LEU A 231 -34.00 -19.76 -0.63
N SER A 232 -34.79 -20.59 0.04
CA SER A 232 -35.89 -21.30 -0.61
C SER A 232 -36.91 -20.40 -1.32
N GLN A 233 -36.96 -19.13 -0.92
CA GLN A 233 -37.99 -18.19 -1.42
C GLN A 233 -37.47 -17.31 -2.55
N VAL A 234 -36.15 -17.23 -2.69
CA VAL A 234 -35.54 -16.20 -3.54
C VAL A 234 -35.97 -16.24 -4.99
N TYR A 235 -35.87 -17.41 -5.61
CA TYR A 235 -36.18 -17.49 -7.03
C TYR A 235 -37.66 -17.16 -7.28
N GLU A 236 -38.54 -17.72 -6.45
CA GLU A 236 -39.97 -17.50 -6.65
C GLU A 236 -40.29 -16.01 -6.48
N LEU A 237 -39.68 -15.38 -5.48
CA LEU A 237 -39.91 -13.95 -5.26
C LEU A 237 -39.48 -13.14 -6.47
N LEU A 238 -38.27 -13.39 -6.97
CA LEU A 238 -37.77 -12.70 -8.16
C LEU A 238 -38.69 -12.91 -9.36
N GLU A 239 -39.12 -14.15 -9.55
CA GLU A 239 -40.01 -14.49 -10.64
C GLU A 239 -41.31 -13.72 -10.56
N LYS A 240 -41.72 -13.41 -9.33
CA LYS A 240 -42.95 -12.65 -9.12
C LYS A 240 -42.67 -11.17 -8.88
N ASP A 241 -41.55 -10.71 -9.44
CA ASP A 241 -41.17 -9.29 -9.53
C ASP A 241 -40.72 -8.63 -8.22
N TYR A 242 -40.51 -9.40 -7.17
CA TYR A 242 -39.90 -8.86 -5.95
C TYR A 242 -38.47 -8.39 -6.27
N ARG A 243 -38.09 -7.23 -5.74
CA ARG A 243 -36.68 -6.79 -5.82
C ARG A 243 -36.30 -6.11 -4.50
N MET A 244 -35.04 -6.17 -4.09
CA MET A 244 -34.65 -5.49 -2.86
C MET A 244 -35.02 -4.01 -2.94
N GLU A 245 -35.50 -3.44 -1.83
CA GLU A 245 -35.88 -2.03 -1.86
C GLU A 245 -34.63 -1.15 -1.74
N ARG A 246 -34.80 0.14 -1.96
CA ARG A 246 -33.67 1.07 -1.90
C ARG A 246 -33.09 1.09 -0.49
N PRO A 247 -31.78 0.85 -0.38
CA PRO A 247 -31.15 0.85 0.96
C PRO A 247 -31.16 2.24 1.59
N GLU A 248 -31.17 2.28 2.92
CA GLU A 248 -31.10 3.56 3.61
C GLU A 248 -29.91 4.38 3.12
N GLY A 249 -30.17 5.64 2.81
CA GLY A 249 -29.13 6.56 2.36
C GLY A 249 -28.76 6.46 0.90
N CYS A 250 -29.34 5.51 0.18
CA CYS A 250 -28.99 5.31 -1.22
C CYS A 250 -29.64 6.37 -2.12
N PRO A 251 -28.84 7.00 -2.99
CA PRO A 251 -29.37 7.96 -3.97
C PRO A 251 -30.32 7.28 -4.96
N GLU A 252 -31.36 7.98 -5.40
CA GLU A 252 -32.31 7.41 -6.35
CA GLU A 252 -32.31 7.38 -6.34
C GLU A 252 -31.63 6.96 -7.63
N LYS A 253 -30.66 7.74 -8.10
CA LYS A 253 -29.96 7.38 -9.32
C LYS A 253 -29.18 6.08 -9.19
N VAL A 254 -28.60 5.83 -8.01
CA VAL A 254 -27.89 4.58 -7.80
C VAL A 254 -28.88 3.42 -7.75
N TYR A 255 -30.02 3.66 -7.11
CA TYR A 255 -31.04 2.63 -7.02
C TYR A 255 -31.64 2.32 -8.40
N GLU A 256 -31.84 3.34 -9.22
CA GLU A 256 -32.30 3.14 -10.60
C GLU A 256 -31.37 2.20 -11.34
N LEU A 257 -30.07 2.37 -11.13
CA LEU A 257 -29.10 1.46 -11.72
C LEU A 257 -29.27 0.02 -11.24
N MET A 258 -29.45 -0.16 -9.94
CA MET A 258 -29.69 -1.50 -9.40
C MET A 258 -30.90 -2.16 -10.06
N ARG A 259 -31.99 -1.42 -10.15
CA ARG A 259 -33.22 -1.96 -10.73
C ARG A 259 -33.02 -2.29 -12.20
N ALA A 260 -32.25 -1.47 -12.92
CA ALA A 260 -31.96 -1.78 -14.32
C ALA A 260 -31.16 -3.06 -14.43
N CYS A 261 -30.21 -3.28 -13.52
CA CYS A 261 -29.43 -4.52 -13.51
C CYS A 261 -30.28 -5.75 -13.26
N TRP A 262 -31.38 -5.58 -12.54
CA TRP A 262 -32.22 -6.70 -12.16
C TRP A 262 -33.47 -6.83 -13.05
N GLN A 263 -33.38 -6.37 -14.28
CA GLN A 263 -34.46 -6.67 -15.24
C GLN A 263 -34.52 -8.17 -15.45
N TRP A 264 -35.72 -8.74 -15.46
CA TRP A 264 -35.87 -10.19 -15.61
C TRP A 264 -35.25 -10.66 -16.92
N ASN A 265 -35.53 -9.93 -18.00
CA ASN A 265 -34.98 -10.28 -19.30
C ASN A 265 -33.56 -9.73 -19.46
N PRO A 266 -32.59 -10.63 -19.71
CA PRO A 266 -31.18 -10.24 -19.86
C PRO A 266 -30.97 -9.10 -20.86
N SER A 267 -31.70 -9.13 -21.98
CA SER A 267 -31.52 -8.10 -23.01
C SER A 267 -32.02 -6.73 -22.55
N ASP A 268 -32.84 -6.70 -21.51
CA ASP A 268 -33.31 -5.44 -20.95
C ASP A 268 -32.32 -4.77 -19.97
N ARG A 269 -31.33 -5.53 -19.50
CA ARG A 269 -30.33 -5.00 -18.59
C ARG A 269 -29.33 -4.14 -19.35
N PRO A 270 -28.83 -3.07 -18.70
CA PRO A 270 -27.86 -2.21 -19.38
C PRO A 270 -26.53 -2.94 -19.62
N SER A 271 -25.69 -2.39 -20.50
CA SER A 271 -24.36 -2.91 -20.70
C SER A 271 -23.45 -2.28 -19.66
N PHE A 272 -22.30 -2.89 -19.40
CA PHE A 272 -21.33 -2.29 -18.48
C PHE A 272 -20.77 -0.96 -19.01
N ALA A 273 -20.71 -0.82 -20.33
CA ALA A 273 -20.37 0.47 -20.92
C ALA A 273 -21.31 1.57 -20.43
N GLU A 274 -22.61 1.29 -20.45
CA GLU A 274 -23.60 2.27 -20.01
C GLU A 274 -23.50 2.52 -18.51
N ILE A 275 -23.34 1.44 -17.76
CA ILE A 275 -23.23 1.56 -16.31
C ILE A 275 -22.03 2.41 -15.93
N HIS A 276 -20.87 2.12 -16.52
CA HIS A 276 -19.69 2.90 -16.21
C HIS A 276 -19.88 4.38 -16.52
N GLN A 277 -20.47 4.67 -17.67
CA GLN A 277 -20.70 6.06 -18.05
C GLN A 277 -21.57 6.74 -17.00
N ALA A 278 -22.61 6.05 -16.55
CA ALA A 278 -23.50 6.56 -15.51
C ALA A 278 -22.76 6.89 -14.22
N PHE A 279 -21.87 5.99 -13.80
CA PHE A 279 -21.13 6.21 -12.56
C PHE A 279 -20.07 7.29 -12.70
N GLU A 280 -19.41 7.33 -13.85
CA GLU A 280 -18.45 8.39 -14.13
C GLU A 280 -19.10 9.75 -13.89
N THR A 281 -20.31 9.92 -14.40
CA THR A 281 -21.03 11.18 -14.27
C THR A 281 -21.38 11.49 -12.80
N MET A 282 -21.92 10.51 -12.09
CA MET A 282 -22.23 10.72 -10.68
C MET A 282 -20.99 11.02 -9.85
N PHE A 283 -19.90 10.31 -10.13
CA PHE A 283 -18.70 10.52 -9.33
C PHE A 283 -18.16 11.93 -9.51
N GLN A 284 -18.06 12.38 -10.76
CA GLN A 284 -17.56 13.72 -11.02
C GLN A 284 -18.47 14.79 -10.45
N GLU A 285 -19.79 14.58 -10.53
CA GLU A 285 -20.73 15.54 -9.99
C GLU A 285 -20.64 15.61 -8.46
N SER A 286 -20.25 14.51 -7.83
CA SER A 286 -20.09 14.46 -6.40
C SER A 286 -18.67 14.84 -5.98
N ASP B 19 43.11 6.62 -0.12
CA ASP B 19 42.29 5.90 -1.09
C ASP B 19 41.75 6.83 -2.16
N LYS B 20 40.83 6.32 -2.98
CA LYS B 20 40.22 7.11 -4.05
C LYS B 20 39.41 8.28 -3.52
N TRP B 21 39.12 8.26 -2.22
CA TRP B 21 38.26 9.27 -1.59
C TRP B 21 39.03 10.52 -1.21
N GLU B 22 40.33 10.38 -1.01
CA GLU B 22 41.19 11.49 -0.62
C GLU B 22 41.26 12.56 -1.70
N MET B 23 41.09 13.81 -1.30
CA MET B 23 41.28 14.93 -2.21
C MET B 23 41.98 16.06 -1.46
N GLU B 24 42.36 17.11 -2.19
CA GLU B 24 43.05 18.23 -1.58
C GLU B 24 42.07 19.29 -1.08
N ARG B 25 42.32 19.82 0.11
CA ARG B 25 41.42 20.80 0.72
C ARG B 25 41.20 22.00 -0.20
N THR B 26 42.14 22.21 -1.12
CA THR B 26 42.05 23.33 -2.05
C THR B 26 41.31 22.98 -3.33
N ASP B 27 40.92 21.71 -3.47
CA ASP B 27 40.03 21.30 -4.56
C ASP B 27 38.67 21.90 -4.31
N ILE B 28 38.47 22.37 -3.07
CA ILE B 28 37.19 22.86 -2.61
C ILE B 28 37.29 24.32 -2.19
N THR B 29 36.37 25.14 -2.69
CA THR B 29 36.22 26.51 -2.21
C THR B 29 35.18 26.53 -1.10
N MET B 30 35.61 26.79 0.13
CA MET B 30 34.70 26.82 1.27
C MET B 30 33.97 28.15 1.39
N LYS B 31 32.68 28.08 1.73
CA LYS B 31 31.87 29.28 1.92
C LYS B 31 31.28 29.36 3.32
N HIS B 32 30.05 29.84 3.41
CA HIS B 32 29.38 30.06 4.69
C HIS B 32 28.82 28.77 5.30
N LYS B 33 28.33 28.87 6.53
CA LYS B 33 27.73 27.75 7.22
C LYS B 33 26.33 27.44 6.68
N LEU B 34 25.93 26.18 6.78
CA LEU B 34 24.63 25.73 6.30
C LEU B 34 23.52 25.97 7.33
N GLY B 35 22.36 26.41 6.85
CA GLY B 35 21.18 26.57 7.68
C GLY B 35 21.42 27.23 9.02
N GLY B 36 22.03 28.41 8.99
CA GLY B 36 22.31 29.15 10.22
C GLY B 36 23.08 28.33 11.23
N GLY B 37 23.83 27.34 10.75
CA GLY B 37 24.64 26.51 11.61
C GLY B 37 23.85 25.55 12.47
N GLN B 38 22.63 25.25 12.07
CA GLN B 38 21.80 24.31 12.81
C GLN B 38 22.37 22.89 12.72
N TYR B 39 23.28 22.69 11.77
CA TYR B 39 23.90 21.39 11.58
C TYR B 39 25.29 21.38 12.19
N GLY B 40 25.63 22.46 12.88
CA GLY B 40 26.95 22.58 13.49
C GLY B 40 28.00 23.00 12.49
N GLU B 41 29.13 22.31 12.50
CA GLU B 41 30.24 22.63 11.62
C GLU B 41 30.09 22.00 10.24
N VAL B 42 29.06 22.42 9.52
CA VAL B 42 28.85 21.99 8.14
C VAL B 42 28.71 23.21 7.25
N TYR B 43 29.51 23.26 6.19
CA TYR B 43 29.59 24.46 5.35
C TYR B 43 29.26 24.18 3.89
N GLU B 44 28.67 25.16 3.23
CA GLU B 44 28.52 25.11 1.78
C GLU B 44 29.88 25.30 1.13
N GLY B 45 30.17 24.51 0.10
CA GLY B 45 31.43 24.63 -0.61
C GLY B 45 31.27 24.43 -2.09
N VAL B 46 32.35 24.58 -2.84
CA VAL B 46 32.33 24.27 -4.27
C VAL B 46 33.47 23.36 -4.65
N TRP B 47 33.13 22.25 -5.28
CA TRP B 47 34.13 21.36 -5.84
C TRP B 47 34.61 21.99 -7.14
N LYS B 48 35.66 22.80 -7.04
CA LYS B 48 36.14 23.63 -8.14
C LYS B 48 36.12 22.91 -9.49
N LYS B 49 36.75 21.75 -9.55
CA LYS B 49 36.88 21.00 -10.80
C LYS B 49 35.56 20.91 -11.55
N TYR B 50 34.48 20.69 -10.81
CA TYR B 50 33.17 20.46 -11.42
C TYR B 50 32.22 21.62 -11.22
N SER B 51 32.73 22.72 -10.67
CA SER B 51 31.90 23.88 -10.41
C SER B 51 30.64 23.44 -9.67
N LEU B 52 30.81 22.46 -8.77
CA LEU B 52 29.68 21.79 -8.13
C LEU B 52 29.56 22.13 -6.66
N THR B 53 28.38 22.62 -6.27
CA THR B 53 28.13 22.92 -4.87
C THR B 53 28.00 21.64 -4.03
N VAL B 54 28.68 21.61 -2.88
CA VAL B 54 28.67 20.46 -2.00
C VAL B 54 28.45 20.89 -0.56
N ALA B 55 28.45 19.91 0.35
CA ALA B 55 28.36 20.19 1.77
C ALA B 55 29.62 19.63 2.43
N VAL B 56 30.20 20.40 3.33
CA VAL B 56 31.48 20.03 3.92
C VAL B 56 31.42 20.04 5.45
N LYS B 57 31.53 18.86 6.05
CA LYS B 57 31.66 18.73 7.49
C LYS B 57 33.13 18.81 7.86
N THR B 58 33.48 19.75 8.73
CA THR B 58 34.87 20.03 9.04
C THR B 58 35.20 19.90 10.53
N LEU B 59 36.48 19.79 10.83
CA LEU B 59 36.93 19.66 12.21
C LEU B 59 38.32 20.26 12.40
N VAL B 66 36.54 14.24 16.96
CA VAL B 66 37.95 14.09 17.28
C VAL B 66 38.56 12.92 16.50
N GLU B 67 38.20 11.70 16.88
CA GLU B 67 38.62 10.50 16.16
C GLU B 67 37.38 9.80 15.64
N GLU B 68 36.25 10.08 16.27
CA GLU B 68 34.94 9.64 15.79
C GLU B 68 34.73 10.19 14.38
N PHE B 69 35.28 11.38 14.14
CA PHE B 69 35.20 12.00 12.83
C PHE B 69 35.71 11.06 11.75
N LEU B 70 36.83 10.39 12.03
CA LEU B 70 37.40 9.45 11.08
C LEU B 70 36.59 8.16 10.99
N LYS B 71 35.99 7.77 12.12
CA LYS B 71 35.09 6.61 12.14
C LYS B 71 33.93 6.86 11.18
N GLU B 72 33.35 8.06 11.24
CA GLU B 72 32.25 8.42 10.35
C GLU B 72 32.68 8.35 8.89
N ALA B 73 33.84 8.93 8.60
CA ALA B 73 34.37 8.93 7.23
C ALA B 73 34.49 7.50 6.70
N ALA B 74 34.94 6.60 7.56
CA ALA B 74 35.13 5.20 7.18
C ALA B 74 33.80 4.52 6.89
N VAL B 75 32.82 4.75 7.75
CA VAL B 75 31.48 4.19 7.57
C VAL B 75 30.87 4.64 6.23
N MET B 76 30.94 5.94 5.97
CA MET B 76 30.31 6.50 4.77
C MET B 76 30.92 5.99 3.46
N LYS B 77 32.15 5.49 3.53
CA LYS B 77 32.76 4.90 2.36
C LYS B 77 32.15 3.53 2.09
N GLU B 78 31.53 2.98 3.13
CA GLU B 78 30.92 1.65 3.05
C GLU B 78 29.46 1.68 2.62
N ILE B 79 28.90 2.89 2.52
CA ILE B 79 27.47 3.09 2.25
C ILE B 79 27.20 3.70 0.89
N LYS B 80 26.34 3.05 0.09
CA LYS B 80 25.89 3.62 -1.16
C LYS B 80 24.46 3.15 -1.50
N HIS B 81 23.53 4.10 -1.57
CA HIS B 81 22.12 3.79 -1.83
C HIS B 81 21.45 5.08 -2.30
N PRO B 82 20.47 4.97 -3.22
CA PRO B 82 19.78 6.14 -3.77
C PRO B 82 19.20 7.06 -2.68
N ASN B 83 18.88 6.51 -1.51
CA ASN B 83 18.24 7.31 -0.46
C ASN B 83 19.09 7.48 0.79
N LEU B 84 20.40 7.39 0.62
CA LEU B 84 21.34 7.76 1.67
C LEU B 84 22.23 8.88 1.14
N VAL B 85 22.41 9.94 1.92
CA VAL B 85 23.23 11.07 1.49
C VAL B 85 24.58 10.57 0.96
N GLN B 86 25.01 11.05 -0.20
CA GLN B 86 26.16 10.47 -0.88
C GLN B 86 27.48 11.16 -0.56
N LEU B 87 28.46 10.35 -0.16
CA LEU B 87 29.79 10.83 0.12
C LEU B 87 30.48 11.14 -1.20
N LEU B 88 31.16 12.28 -1.27
CA LEU B 88 31.87 12.65 -2.49
C LEU B 88 33.38 12.52 -2.32
N GLY B 89 33.87 12.88 -1.14
CA GLY B 89 35.29 12.78 -0.85
C GLY B 89 35.63 13.17 0.58
N VAL B 90 36.86 12.87 0.98
CA VAL B 90 37.33 13.15 2.33
C VAL B 90 38.73 13.75 2.33
N CYS B 91 39.01 14.57 3.35
CA CYS B 91 40.36 15.07 3.58
C CYS B 91 40.78 14.71 4.99
N THR B 92 41.51 13.61 5.13
CA THR B 92 41.82 13.06 6.45
C THR B 92 43.32 13.01 6.75
N ARG B 93 44.09 13.88 6.11
CA ARG B 93 45.52 13.97 6.39
C ARG B 93 45.79 15.08 7.39
N GLU B 94 46.18 16.25 6.89
CA GLU B 94 46.44 17.39 7.75
C GLU B 94 45.18 18.23 7.94
N PRO B 95 44.74 18.38 9.20
CA PRO B 95 43.56 19.20 9.53
C PRO B 95 43.66 20.59 8.93
N PRO B 96 42.52 21.28 8.78
CA PRO B 96 41.19 20.79 9.17
C PRO B 96 40.76 19.59 8.33
N PHE B 97 40.03 18.67 8.95
CA PHE B 97 39.55 17.48 8.26
C PHE B 97 38.22 17.73 7.56
N TYR B 98 38.00 17.02 6.45
CA TYR B 98 36.81 17.24 5.63
C TYR B 98 36.07 15.94 5.33
N ILE B 99 34.76 15.97 5.53
CA ILE B 99 33.88 15.01 4.87
C ILE B 99 33.00 15.81 3.91
N ILE B 100 33.02 15.41 2.66
CA ILE B 100 32.29 16.14 1.62
C ILE B 100 31.17 15.28 1.05
N THR B 101 29.95 15.79 1.10
CA THR B 101 28.81 15.08 0.52
C THR B 101 28.12 15.95 -0.51
N GLU B 102 27.19 15.36 -1.25
CA GLU B 102 26.34 16.13 -2.14
C GLU B 102 25.57 17.18 -1.35
N PHE B 103 25.10 18.20 -2.05
CA PHE B 103 24.27 19.22 -1.46
C PHE B 103 22.81 18.95 -1.86
N MET B 104 21.93 18.88 -0.87
CA MET B 104 20.51 18.62 -1.10
C MET B 104 19.74 19.92 -1.18
N THR B 105 19.19 20.21 -2.35
CA THR B 105 18.67 21.55 -2.64
C THR B 105 17.47 22.02 -1.80
N TYR B 106 16.73 21.10 -1.19
CA TYR B 106 15.54 21.52 -0.43
C TYR B 106 15.66 21.42 1.09
N GLY B 107 16.86 21.15 1.60
CA GLY B 107 17.09 21.19 3.03
C GLY B 107 16.50 20.01 3.78
N ASN B 108 16.32 20.16 5.08
CA ASN B 108 15.87 19.02 5.88
C ASN B 108 14.37 18.79 5.80
N LEU B 109 13.99 17.52 5.97
CA LEU B 109 12.62 17.09 5.76
C LEU B 109 11.66 17.68 6.78
N LEU B 110 12.09 17.86 8.01
CA LEU B 110 11.19 18.42 9.01
C LEU B 110 10.71 19.80 8.58
N ASP B 111 11.64 20.67 8.23
CA ASP B 111 11.30 22.01 7.76
C ASP B 111 10.50 21.93 6.47
N TYR B 112 10.88 21.00 5.61
CA TYR B 112 10.19 20.80 4.35
C TYR B 112 8.71 20.49 4.56
N LEU B 113 8.40 19.56 5.46
CA LEU B 113 7.00 19.24 5.77
C LEU B 113 6.26 20.43 6.38
N ARG B 114 6.92 21.15 7.27
CA ARG B 114 6.28 22.26 7.98
C ARG B 114 5.95 23.43 7.08
N GLU B 115 6.74 23.61 6.03
CA GLU B 115 6.65 24.81 5.22
C GLU B 115 5.96 24.57 3.88
N CYS B 116 5.72 23.31 3.55
CA CYS B 116 5.27 22.97 2.20
C CYS B 116 3.82 23.34 1.93
N ASN B 117 3.51 23.42 0.65
CA ASN B 117 2.14 23.51 0.17
C ASN B 117 1.58 22.11 0.14
N ARG B 118 0.54 21.84 0.92
CA ARG B 118 0.04 20.48 1.10
C ARG B 118 -0.77 19.96 -0.08
N GLN B 119 -1.01 20.83 -1.06
CA GLN B 119 -1.67 20.41 -2.29
C GLN B 119 -0.61 19.85 -3.22
N GLU B 120 0.58 20.41 -3.11
CA GLU B 120 1.74 19.93 -3.84
C GLU B 120 2.31 18.68 -3.16
N VAL B 121 2.70 18.82 -1.90
CA VAL B 121 3.12 17.67 -1.11
C VAL B 121 1.89 17.01 -0.51
N ASN B 122 1.20 16.21 -1.33
CA ASN B 122 -0.06 15.62 -0.92
C ASN B 122 0.13 14.20 -0.39
N ALA B 123 -0.96 13.47 -0.21
CA ALA B 123 -0.88 12.18 0.47
C ALA B 123 0.01 11.17 -0.26
N VAL B 124 -0.04 11.18 -1.59
CA VAL B 124 0.73 10.22 -2.35
C VAL B 124 2.22 10.56 -2.29
N VAL B 125 2.53 11.85 -2.23
CA VAL B 125 3.91 12.27 -2.00
C VAL B 125 4.40 11.82 -0.61
N LEU B 126 3.56 11.95 0.41
CA LEU B 126 3.96 11.48 1.74
C LEU B 126 4.27 9.99 1.72
N LEU B 127 3.46 9.21 1.02
CA LEU B 127 3.72 7.77 0.89
C LEU B 127 5.05 7.53 0.20
N TYR B 128 5.32 8.31 -0.82
CA TYR B 128 6.58 8.22 -1.56
C TYR B 128 7.76 8.50 -0.62
N MET B 129 7.63 9.53 0.20
CA MET B 129 8.70 9.87 1.14
C MET B 129 8.95 8.70 2.09
N ALA B 130 7.87 8.15 2.63
CA ALA B 130 8.00 7.03 3.55
C ALA B 130 8.62 5.83 2.87
N THR B 131 8.25 5.58 1.62
CA THR B 131 8.81 4.43 0.89
C THR B 131 10.32 4.60 0.71
N GLN B 132 10.75 5.82 0.42
CA GLN B 132 12.17 6.07 0.22
C GLN B 132 13.00 5.86 1.48
N ILE B 133 12.51 6.38 2.59
CA ILE B 133 13.21 6.26 3.86
C ILE B 133 13.29 4.80 4.28
N SER B 134 12.18 4.08 4.11
CA SER B 134 12.19 2.65 4.46
C SER B 134 13.17 1.87 3.59
N SER B 135 13.33 2.31 2.34
CA SER B 135 14.30 1.65 1.44
C SER B 135 15.74 1.88 1.91
N ALA B 136 16.06 3.09 2.34
CA ALA B 136 17.38 3.38 2.90
C ALA B 136 17.64 2.52 4.14
N MET B 137 16.61 2.41 5.00
CA MET B 137 16.75 1.66 6.24
C MET B 137 16.83 0.14 6.01
N GLU B 138 16.13 -0.38 5.00
CA GLU B 138 16.28 -1.79 4.63
C GLU B 138 17.72 -2.04 4.17
N TYR B 139 18.28 -1.09 3.45
CA TYR B 139 19.68 -1.22 3.02
C TYR B 139 20.64 -1.23 4.22
N LEU B 140 20.42 -0.33 5.17
CA LEU B 140 21.26 -0.31 6.38
C LEU B 140 21.09 -1.60 7.19
N GLU B 141 19.86 -2.07 7.30
CA GLU B 141 19.54 -3.36 7.90
C GLU B 141 20.32 -4.51 7.26
N LYS B 142 20.34 -4.53 5.94
CA LYS B 142 21.03 -5.57 5.19
C LYS B 142 22.55 -5.52 5.43
N LYS B 143 23.07 -4.31 5.57
CA LYS B 143 24.51 -4.10 5.76
C LYS B 143 24.91 -4.19 7.22
N ASN B 144 23.95 -4.49 8.08
CA ASN B 144 24.20 -4.62 9.52
C ASN B 144 24.70 -3.33 10.17
N PHE B 145 24.23 -2.20 9.66
CA PHE B 145 24.45 -0.93 10.33
C PHE B 145 23.23 -0.58 11.16
N ILE B 146 23.43 0.31 12.13
CA ILE B 146 22.35 0.84 12.95
C ILE B 146 22.44 2.36 12.82
N HIS B 147 21.30 3.02 12.69
CA HIS B 147 21.32 4.46 12.53
C HIS B 147 21.49 5.14 13.88
N ARG B 148 20.56 4.83 14.80
CA ARG B 148 20.56 5.34 16.18
C ARG B 148 19.90 6.69 16.41
N ASP B 149 19.64 7.45 15.35
CA ASP B 149 18.98 8.75 15.50
C ASP B 149 18.06 9.09 14.33
N LEU B 150 17.25 8.13 13.92
CA LEU B 150 16.31 8.36 12.83
C LEU B 150 15.19 9.29 13.29
N ALA B 151 14.91 10.32 12.48
CA ALA B 151 13.88 11.32 12.74
C ALA B 151 13.80 12.19 11.49
N ALA B 152 12.71 12.93 11.32
CA ALA B 152 12.55 13.73 10.10
C ALA B 152 13.64 14.80 10.01
N ARG B 153 14.12 15.25 11.17
CA ARG B 153 15.13 16.30 11.21
C ARG B 153 16.45 15.82 10.61
N ASN B 154 16.61 14.49 10.53
CA ASN B 154 17.83 13.91 9.99
C ASN B 154 17.73 13.45 8.54
N CYS B 155 16.64 13.81 7.89
CA CYS B 155 16.46 13.50 6.47
C CYS B 155 16.60 14.75 5.63
N LEU B 156 17.10 14.60 4.41
CA LEU B 156 17.26 15.72 3.48
C LEU B 156 16.39 15.52 2.25
N VAL B 157 16.04 16.62 1.60
CA VAL B 157 15.13 16.59 0.47
C VAL B 157 15.77 17.16 -0.80
N GLY B 158 15.51 16.52 -1.93
CA GLY B 158 16.02 17.00 -3.21
C GLY B 158 14.90 17.34 -4.16
N GLU B 159 15.23 17.41 -5.45
CA GLU B 159 14.23 17.66 -6.48
C GLU B 159 13.26 16.48 -6.58
N ASN B 160 12.04 16.77 -7.03
CA ASN B 160 11.02 15.73 -7.23
C ASN B 160 10.74 14.90 -5.96
N HIS B 161 10.80 15.55 -4.80
CA HIS B 161 10.50 14.89 -3.52
C HIS B 161 11.42 13.72 -3.20
N LEU B 162 12.64 13.76 -3.75
CA LEU B 162 13.68 12.82 -3.36
C LEU B 162 14.00 13.04 -1.90
N VAL B 163 14.09 11.95 -1.13
CA VAL B 163 14.42 12.04 0.28
C VAL B 163 15.63 11.15 0.53
N LYS B 164 16.61 11.67 1.27
CA LYS B 164 17.74 10.87 1.69
C LYS B 164 17.89 10.90 3.21
N VAL B 165 18.22 9.74 3.76
CA VAL B 165 18.49 9.61 5.18
C VAL B 165 19.92 10.06 5.44
N ALA B 166 20.11 10.89 6.46
CA ALA B 166 21.44 11.36 6.84
C ALA B 166 21.60 11.21 8.34
N ASP B 167 22.69 11.72 8.90
CA ASP B 167 22.91 11.64 10.34
C ASP B 167 23.78 12.81 10.75
N PHE B 168 23.18 13.81 11.38
CA PHE B 168 23.91 15.03 11.75
C PHE B 168 24.44 14.97 13.19
N GLY B 169 23.57 14.63 14.12
CA GLY B 169 23.97 14.51 15.52
C GLY B 169 23.75 15.80 16.31
N ALA B 185 23.98 12.72 29.15
CA ALA B 185 22.59 12.29 29.39
C ALA B 185 21.62 13.06 28.49
N LYS B 186 21.77 12.91 27.18
CA LYS B 186 20.92 13.60 26.22
C LYS B 186 20.29 12.67 25.18
N PHE B 187 19.00 12.90 24.89
CA PHE B 187 18.24 12.02 24.01
C PHE B 187 17.09 12.74 23.29
N PRO B 188 16.79 12.32 22.05
CA PRO B 188 15.45 12.58 21.52
C PRO B 188 14.54 11.53 22.11
N ILE B 189 14.13 11.74 23.37
CA ILE B 189 13.34 10.76 24.12
C ILE B 189 12.14 10.26 23.32
N LYS B 190 11.49 11.17 22.59
CA LYS B 190 10.23 10.82 21.95
C LYS B 190 10.38 9.93 20.71
N TRP B 191 11.61 9.79 20.23
CA TRP B 191 11.92 8.85 19.14
C TRP B 191 12.58 7.58 19.64
N THR B 192 12.78 7.47 20.95
CA THR B 192 13.66 6.41 21.50
C THR B 192 12.92 5.19 22.01
N ALA B 193 13.32 4.00 21.53
CA ALA B 193 12.67 2.76 21.91
C ALA B 193 12.83 2.48 23.39
N PRO B 194 11.86 1.78 24.00
CA PRO B 194 11.87 1.51 25.45
C PRO B 194 13.13 0.79 25.92
N GLU B 195 13.61 -0.20 25.18
CA GLU B 195 14.82 -0.91 25.59
C GLU B 195 16.03 0.00 25.50
N SER B 196 15.99 0.97 24.60
CA SER B 196 17.07 1.94 24.45
C SER B 196 17.07 2.92 25.62
N LEU B 197 15.86 3.30 26.04
CA LEU B 197 15.70 4.22 27.16
C LEU B 197 16.18 3.57 28.46
N ALA B 198 15.73 2.34 28.70
CA ALA B 198 15.97 1.68 29.97
C ALA B 198 17.35 1.03 30.06
N TYR B 199 17.83 0.49 28.93
CA TYR B 199 19.03 -0.33 28.93
C TYR B 199 20.13 0.16 28.01
N ASN B 200 19.91 1.31 27.38
CA ASN B 200 20.87 1.83 26.44
C ASN B 200 21.16 0.81 25.33
N LYS B 201 20.17 -0.01 25.01
CA LYS B 201 20.33 -1.01 23.96
C LYS B 201 19.82 -0.48 22.62
N PHE B 202 20.72 -0.28 21.66
CA PHE B 202 20.32 0.16 20.33
C PHE B 202 20.54 -0.94 19.30
N SER B 203 19.60 -1.10 18.39
CA SER B 203 19.69 -2.14 17.37
C SER B 203 18.91 -1.67 16.14
N ILE B 204 18.90 -2.49 15.10
CA ILE B 204 18.06 -2.14 13.95
C ILE B 204 16.59 -2.06 14.40
N LYS B 205 16.21 -2.87 15.40
CA LYS B 205 14.84 -2.82 15.91
C LYS B 205 14.51 -1.52 16.67
N SER B 206 15.50 -0.90 17.31
CA SER B 206 15.22 0.43 17.90
C SER B 206 15.13 1.49 16.79
N ASP B 207 15.82 1.26 15.68
CA ASP B 207 15.65 2.12 14.49
C ASP B 207 14.23 1.94 13.94
N VAL B 208 13.71 0.72 13.97
CA VAL B 208 12.32 0.49 13.50
C VAL B 208 11.35 1.30 14.35
N TRP B 209 11.55 1.28 15.67
CA TRP B 209 10.72 2.09 16.55
C TRP B 209 10.75 3.56 16.15
N ALA B 210 11.95 4.11 15.96
CA ALA B 210 12.11 5.51 15.61
C ALA B 210 11.44 5.81 14.27
N PHE B 211 11.56 4.86 13.34
CA PHE B 211 10.90 5.00 12.04
C PHE B 211 9.39 5.16 12.20
N GLY B 212 8.80 4.42 13.15
CA GLY B 212 7.37 4.59 13.44
C GLY B 212 7.04 6.00 13.85
N VAL B 213 7.88 6.59 14.69
CA VAL B 213 7.65 7.98 15.12
C VAL B 213 7.85 8.91 13.92
N LEU B 214 8.84 8.59 13.09
CA LEU B 214 9.05 9.40 11.88
C LEU B 214 7.80 9.35 10.97
N LEU B 215 7.17 8.19 10.85
CA LEU B 215 5.90 8.10 10.10
C LEU B 215 4.87 9.08 10.66
N TRP B 216 4.83 9.20 11.98
CA TRP B 216 3.89 10.11 12.62
C TRP B 216 4.24 11.56 12.30
N GLU B 217 5.52 11.90 12.28
CA GLU B 217 5.95 13.23 11.85
C GLU B 217 5.49 13.53 10.41
N ILE B 218 5.67 12.56 9.53
CA ILE B 218 5.24 12.72 8.14
C ILE B 218 3.72 12.90 8.05
N ALA B 219 3.00 12.07 8.79
CA ALA B 219 1.53 12.08 8.77
C ALA B 219 0.95 13.43 9.19
N THR B 220 1.66 14.11 10.08
CA THR B 220 1.18 15.36 10.67
C THR B 220 1.85 16.59 10.07
N TYR B 221 2.59 16.39 8.98
CA TYR B 221 3.39 17.46 8.37
C TYR B 221 4.33 18.13 9.36
N GLY B 222 4.95 17.32 10.21
CA GLY B 222 6.04 17.80 11.03
C GLY B 222 5.65 18.33 12.41
N MET B 223 4.52 17.88 12.93
CA MET B 223 4.19 18.20 14.33
C MET B 223 5.18 17.49 15.26
N SER B 224 5.27 17.94 16.52
CA SER B 224 6.09 17.27 17.54
C SER B 224 5.30 16.13 18.18
N PRO B 225 5.93 14.96 18.36
CA PRO B 225 5.19 13.80 18.87
C PRO B 225 4.75 13.89 20.35
N TYR B 226 3.85 13.00 20.74
CA TYR B 226 3.26 12.98 22.08
C TYR B 226 2.84 14.39 22.52
N PRO B 227 1.93 15.01 21.78
CA PRO B 227 1.51 16.39 22.05
C PRO B 227 1.15 16.60 23.53
N GLY B 228 1.83 17.53 24.18
CA GLY B 228 1.50 17.96 25.52
C GLY B 228 1.93 17.00 26.62
N ILE B 229 2.50 15.85 26.24
CA ILE B 229 2.86 14.85 27.25
C ILE B 229 4.25 15.09 27.84
N ASP B 230 4.28 15.10 29.17
CA ASP B 230 5.49 15.25 29.94
C ASP B 230 6.45 14.13 29.52
N LEU B 231 7.57 14.49 28.89
CA LEU B 231 8.48 13.48 28.35
C LEU B 231 9.11 12.62 29.44
N SER B 232 9.11 13.12 30.67
CA SER B 232 9.63 12.37 31.81
C SER B 232 8.72 11.21 32.16
N GLN B 233 7.53 11.20 31.56
CA GLN B 233 6.56 10.15 31.84
C GLN B 233 6.35 9.21 30.64
N VAL B 234 7.06 9.47 29.53
CA VAL B 234 6.87 8.67 28.32
C VAL B 234 7.23 7.19 28.54
N TYR B 235 8.36 6.90 29.18
CA TYR B 235 8.75 5.52 29.36
C TYR B 235 7.66 4.67 30.03
N GLU B 236 7.18 5.14 31.17
CA GLU B 236 6.17 4.41 31.91
C GLU B 236 4.88 4.26 31.12
N LEU B 237 4.51 5.31 30.40
CA LEU B 237 3.31 5.23 29.56
C LEU B 237 3.49 4.11 28.53
N LEU B 238 4.65 4.07 27.89
CA LEU B 238 4.91 3.06 26.85
C LEU B 238 4.80 1.65 27.47
N GLU B 239 5.39 1.48 28.65
CA GLU B 239 5.29 0.20 29.35
C GLU B 239 3.83 -0.21 29.61
N LYS B 240 2.96 0.76 29.86
CA LYS B 240 1.55 0.44 30.13
C LYS B 240 0.71 0.44 28.87
N ASP B 241 1.39 0.41 27.73
CA ASP B 241 0.74 0.23 26.43
C ASP B 241 -0.01 1.46 25.96
N TYR B 242 0.47 2.64 26.34
CA TYR B 242 -0.01 3.87 25.71
C TYR B 242 0.78 4.12 24.43
N ARG B 243 0.06 4.42 23.34
CA ARG B 243 0.71 4.85 22.09
C ARG B 243 -0.05 6.05 21.52
N MET B 244 0.61 6.85 20.69
CA MET B 244 -0.08 7.97 20.06
C MET B 244 -1.29 7.45 19.28
N GLU B 245 -2.35 8.25 19.22
CA GLU B 245 -3.54 7.87 18.47
C GLU B 245 -3.31 8.11 16.97
N ARG B 246 -4.10 7.42 16.14
CA ARG B 246 -4.00 7.59 14.70
CA ARG B 246 -4.03 7.59 14.69
C ARG B 246 -4.21 9.06 14.32
N PRO B 247 -3.24 9.64 13.59
CA PRO B 247 -3.37 11.05 13.21
C PRO B 247 -4.55 11.29 12.27
N GLU B 248 -5.11 12.49 12.30
CA GLU B 248 -6.22 12.81 11.41
C GLU B 248 -5.80 12.57 9.95
N GLY B 249 -6.64 11.86 9.20
CA GLY B 249 -6.40 11.63 7.79
C GLY B 249 -5.45 10.48 7.50
N CYS B 250 -4.98 9.81 8.55
CA CYS B 250 -3.99 8.74 8.34
C CYS B 250 -4.68 7.45 7.90
N PRO B 251 -4.22 6.85 6.78
CA PRO B 251 -4.85 5.59 6.38
C PRO B 251 -4.62 4.46 7.40
N GLU B 252 -5.54 3.51 7.45
CA GLU B 252 -5.46 2.43 8.42
C GLU B 252 -4.15 1.64 8.35
N LYS B 253 -3.69 1.31 7.13
CA LYS B 253 -2.48 0.49 7.03
C LYS B 253 -1.25 1.25 7.53
N VAL B 254 -1.20 2.55 7.26
CA VAL B 254 -0.07 3.35 7.71
C VAL B 254 -0.03 3.38 9.24
N TYR B 255 -1.20 3.54 9.85
CA TYR B 255 -1.27 3.50 11.32
C TYR B 255 -0.95 2.11 11.88
N GLU B 256 -1.44 1.07 11.20
CA GLU B 256 -1.08 -0.28 11.60
C GLU B 256 0.44 -0.46 11.60
N LEU B 257 1.11 0.11 10.59
CA LEU B 257 2.58 0.00 10.52
C LEU B 257 3.24 0.78 11.67
N MET B 258 2.74 1.98 11.99
CA MET B 258 3.24 2.70 13.17
C MET B 258 3.14 1.85 14.40
N ARG B 259 1.97 1.25 14.62
CA ARG B 259 1.75 0.45 15.82
C ARG B 259 2.64 -0.79 15.84
N ALA B 260 2.90 -1.35 14.67
CA ALA B 260 3.82 -2.49 14.58
C ALA B 260 5.23 -2.05 14.95
N CYS B 261 5.65 -0.88 14.47
CA CYS B 261 6.97 -0.36 14.82
C CYS B 261 7.11 -0.12 16.31
N TRP B 262 5.99 0.18 16.96
CA TRP B 262 5.96 0.50 18.40
C TRP B 262 5.60 -0.67 19.31
N GLN B 263 5.84 -1.89 18.84
CA GLN B 263 5.62 -3.07 19.66
C GLN B 263 6.66 -3.02 20.78
N TRP B 264 6.24 -3.39 21.98
CA TRP B 264 7.12 -3.36 23.15
C TRP B 264 8.36 -4.25 22.95
N ASN B 265 8.13 -5.49 22.53
CA ASN B 265 9.26 -6.40 22.27
C ASN B 265 9.92 -6.12 20.94
N PRO B 266 11.23 -5.86 20.95
CA PRO B 266 11.93 -5.57 19.68
C PRO B 266 11.68 -6.64 18.63
N SER B 267 11.64 -7.91 19.05
CA SER B 267 11.52 -9.01 18.10
C SER B 267 10.15 -9.05 17.42
N ASP B 268 9.15 -8.41 18.04
CA ASP B 268 7.81 -8.33 17.46
C ASP B 268 7.68 -7.23 16.41
N ARG B 269 8.65 -6.33 16.35
CA ARG B 269 8.62 -5.26 15.35
C ARG B 269 8.98 -5.83 13.97
N PRO B 270 8.35 -5.30 12.90
CA PRO B 270 8.66 -5.74 11.53
C PRO B 270 10.09 -5.40 11.14
N SER B 271 10.66 -6.13 10.20
CA SER B 271 11.93 -5.74 9.64
C SER B 271 11.71 -4.55 8.72
N PHE B 272 12.76 -3.81 8.42
CA PHE B 272 12.67 -2.76 7.43
C PHE B 272 12.37 -3.31 6.04
N ALA B 273 12.80 -4.55 5.77
CA ALA B 273 12.42 -5.20 4.52
C ALA B 273 10.89 -5.28 4.40
N GLU B 274 10.25 -5.76 5.46
CA GLU B 274 8.79 -5.88 5.52
C GLU B 274 8.11 -4.51 5.39
N ILE B 275 8.66 -3.53 6.10
CA ILE B 275 8.11 -2.19 6.08
C ILE B 275 8.21 -1.58 4.68
N HIS B 276 9.40 -1.68 4.10
CA HIS B 276 9.61 -1.16 2.74
C HIS B 276 8.65 -1.82 1.73
N GLN B 277 8.46 -3.13 1.84
CA GLN B 277 7.55 -3.86 0.95
C GLN B 277 6.12 -3.37 1.10
N ALA B 278 5.69 -3.16 2.35
CA ALA B 278 4.33 -2.65 2.58
C ALA B 278 4.15 -1.27 1.95
N PHE B 279 5.14 -0.39 2.11
CA PHE B 279 5.06 0.95 1.53
C PHE B 279 5.13 0.97 0.01
N GLU B 280 6.00 0.15 -0.58
CA GLU B 280 6.08 0.07 -2.03
C GLU B 280 4.72 -0.39 -2.58
N THR B 281 4.16 -1.40 -1.94
CA THR B 281 2.90 -1.96 -2.36
C THR B 281 1.80 -0.86 -2.29
N MET B 282 1.74 -0.14 -1.18
CA MET B 282 0.73 0.93 -1.00
C MET B 282 0.93 2.06 -1.98
N PHE B 283 2.20 2.39 -2.22
CA PHE B 283 2.54 3.53 -3.09
C PHE B 283 2.13 3.23 -4.53
N GLN B 284 2.39 2.01 -4.97
CA GLN B 284 1.98 1.57 -6.31
C GLN B 284 0.46 1.59 -6.46
N GLU B 285 -0.26 1.04 -5.49
CA GLU B 285 -1.72 1.10 -5.47
C GLU B 285 -2.21 2.55 -5.54
N SER B 286 -1.59 3.43 -4.75
CA SER B 286 -2.03 4.81 -4.68
C SER B 286 -1.81 5.55 -5.99
N SER B 287 -0.69 5.25 -6.62
CA SER B 287 -0.34 5.83 -7.92
C SER B 287 -1.31 5.38 -9.00
N ILE B 288 -1.60 4.08 -9.04
CA ILE B 288 -2.57 3.55 -9.99
C ILE B 288 -3.93 4.21 -9.78
N SER B 289 -4.35 4.32 -8.53
CA SER B 289 -5.63 4.95 -8.23
C SER B 289 -5.64 6.41 -8.68
N ASP B 290 -4.53 7.11 -8.48
CA ASP B 290 -4.40 8.49 -8.98
C ASP B 290 -4.66 8.57 -10.47
N GLU B 291 -4.08 7.65 -11.23
CA GLU B 291 -4.27 7.64 -12.67
C GLU B 291 -5.71 7.34 -13.05
N VAL B 292 -6.36 6.44 -12.30
CA VAL B 292 -7.75 6.08 -12.57
C VAL B 292 -8.65 7.29 -12.36
N GLU B 293 -8.45 7.99 -11.24
CA GLU B 293 -9.26 9.13 -10.88
C GLU B 293 -9.09 10.30 -11.86
N LYS B 294 -7.85 10.54 -12.29
CA LYS B 294 -7.58 11.60 -13.26
C LYS B 294 -8.34 11.34 -14.55
N GLU B 295 -8.32 10.10 -15.00
CA GLU B 295 -8.96 9.70 -16.25
C GLU B 295 -10.47 9.98 -16.28
N LEU B 296 -11.11 9.96 -15.10
CA LEU B 296 -12.54 10.21 -15.02
C LEU B 296 -12.92 11.62 -15.45
S SO4 C . -33.44 7.31 3.36
O1 SO4 C . -34.77 7.49 2.78
O2 SO4 C . -33.50 6.33 4.42
O3 SO4 C . -32.52 6.89 2.32
O4 SO4 C . -33.00 8.59 3.89
S SO4 D . -38.73 -2.13 -13.00
O1 SO4 D . -38.98 -0.89 -13.74
O2 SO4 D . -39.54 -2.16 -11.79
O3 SO4 D . -39.04 -3.29 -13.85
O4 SO4 D . -37.31 -2.19 -12.62
C1 STI E . -5.72 -10.55 -0.10
C6 STI E . -5.91 -11.65 -0.91
C5 STI E . -5.37 -11.65 -2.19
C4 STI E . -4.70 -10.51 -2.58
N3 STI E . -4.49 -9.43 -1.82
C2 STI E . -5.01 -9.48 -0.60
C7 STI E . -5.57 -12.77 -3.08
C12 STI E . -6.25 -13.90 -2.69
C11 STI E . -6.40 -14.90 -3.62
N10 STI E . -5.94 -14.79 -4.87
C9 STI E . -5.31 -13.65 -5.17
N8 STI E . -5.09 -12.64 -4.32
N13 STI E . -4.80 -13.49 -6.46
C14 STI E . -4.98 -14.41 -7.50
C19 STI E . -4.07 -15.44 -7.63
C18 STI E . -4.19 -16.37 -8.65
C17 STI E . -5.24 -16.26 -9.53
C16 STI E . -6.16 -15.25 -9.41
C15 STI E . -6.03 -14.32 -8.39
N21 STI E . -7.18 -15.21 -10.37
C22 STI E . -8.09 -14.20 -10.49
C23 STI E . -8.85 -14.18 -11.76
C25 STI E . -9.50 -13.02 -12.09
C26 STI E . -10.23 -12.96 -13.26
C27 STI E . -10.32 -14.05 -14.09
C28 STI E . -9.67 -15.21 -13.74
C29 STI E . -8.93 -15.28 -12.57
C46 STI E . -11.13 -13.94 -15.34
N48 STI E . -12.11 -15.04 -15.51
C53 STI E . -13.07 -15.15 -14.39
C52 STI E . -13.75 -16.49 -14.52
N51 STI E . -14.45 -16.49 -15.83
C54 STI E . -15.33 -17.67 -15.98
C50 STI E . -13.53 -16.32 -16.98
C49 STI E . -12.82 -15.00 -16.82
O29 STI E . -8.33 -13.34 -9.65
C20 STI E . -2.93 -15.57 -6.68
C1 3YY F . -24.64 11.73 -2.41
C2 3YY F . -25.24 11.21 -1.28
C3 3YY F . -23.96 10.92 -3.29
C4 3YY F . -24.26 3.31 -2.75
C5 3YY F . -22.57 4.66 -3.75
C6 3YY F . -25.16 9.85 -1.04
C7 3YY F . -23.87 9.57 -3.05
C8 3YY F . -23.86 2.25 -3.53
C9 3YY F . -22.17 3.59 -4.52
C10 3YY F . -24.61 7.09 -0.48
C11 3YY F . -23.61 4.52 -2.86
C12 3YY F . -24.37 5.74 -0.69
C13 3YY F . -24.48 9.06 -1.93
C14 3YY F . -22.82 2.39 -4.42
C15 3YY F . -24.01 5.65 -2.06
C16 3YY F . -25.89 4.21 0.52
C17 3YY F . -25.23 5.05 2.49
C18 3YY F . -24.46 4.68 0.31
N19 3YY F . -24.02 6.85 -2.66
N20 3YY F . -24.39 7.69 -1.68
N21 3YY F . -26.25 4.50 1.79
N22 3YY F . -24.20 5.22 1.62
O23 3YY F . -26.57 3.63 -0.32
O24 3YY F . -25.27 5.36 3.68
F25 3YY F . -22.43 1.33 -5.18
S SO4 G . 32.03 0.76 -6.72
O1 SO4 G . 32.16 -0.49 -7.47
O2 SO4 G . 31.31 0.51 -5.46
O3 SO4 G . 33.35 1.31 -6.44
O4 SO4 G . 31.26 1.72 -7.53
C1 STI H . 21.36 21.11 3.95
C6 STI H . 22.13 20.36 4.80
C5 STI H . 23.01 19.45 4.29
C4 STI H . 23.09 19.33 2.92
N3 STI H . 22.35 20.03 2.05
C2 STI H . 21.51 20.91 2.60
C7 STI H . 23.85 18.66 5.14
C12 STI H . 23.91 18.93 6.49
C11 STI H . 24.73 18.12 7.23
N10 STI H . 25.44 17.12 6.69
C9 STI H . 25.30 16.93 5.38
N8 STI H . 24.53 17.66 4.57
N13 STI H . 26.03 15.88 4.80
C14 STI H . 26.91 15.12 5.59
C19 STI H . 28.20 15.59 5.80
C18 STI H . 29.08 14.87 6.56
C17 STI H . 28.70 13.66 7.11
C16 STI H . 27.42 13.19 6.90
C15 STI H . 26.53 13.92 6.14
N21 STI H . 27.09 11.96 7.48
C22 STI H . 25.86 11.39 7.33
C23 STI H . 25.84 9.98 7.74
C25 STI H . 24.78 9.20 7.36
C26 STI H . 24.74 7.88 7.75
C27 STI H . 25.77 7.34 8.51
C28 STI H . 26.83 8.14 8.87
C29 STI H . 26.87 9.46 8.49
C46 STI H . 25.71 5.90 8.92
N48 STI H . 25.90 5.71 10.38
C53 STI H . 24.91 6.45 11.17
C52 STI H . 25.37 6.40 12.61
N51 STI H . 25.39 4.97 13.01
C54 STI H . 25.66 4.85 14.47
C50 STI H . 26.35 4.17 12.21
C49 STI H . 25.94 4.28 10.75
O29 STI H . 24.84 11.93 6.92
C20 STI H . 28.63 16.88 5.21
O1 2PE I . 16.23 -7.87 23.02
C2 2PE I . 15.96 -6.71 23.76
C3 2PE I . 15.56 -7.08 25.19
O4 2PE I . 16.51 -6.55 26.09
C5 2PE I . 16.22 -6.52 27.46
C6 2PE I . 17.29 -5.71 28.18
O7 2PE I . 18.49 -6.43 28.30
C8 2PE I . 19.62 -5.73 28.74
C9 2PE I . 20.84 -6.65 28.74
O10 2PE I . 21.17 -7.02 27.42
C11 2PE I . 22.51 -6.92 27.01
C12 2PE I . 22.84 -8.06 26.06
O13 2PE I . 22.37 -7.72 24.77
C14 2PE I . 21.60 -8.64 24.04
C15 2PE I . 21.09 -7.97 22.76
O16 2PE I . 20.20 -8.83 22.10
C17 2PE I . 18.82 -8.69 22.29
C18 2PE I . 18.28 -9.93 23.00
O19 2PE I . 18.67 -9.92 24.36
C20 2PE I . 18.35 -11.00 25.18
C21 2PE I . 17.72 -10.48 26.49
O22 2PE I . 18.71 -9.83 27.25
C23 2PE I . 19.97 -10.43 27.41
C24 2PE I . 20.06 -11.06 28.81
O25 2PE I . 21.27 -11.79 28.88
C26 2PE I . 22.48 -11.18 28.53
C27 2PE I . 23.31 -12.11 27.63
O28 2PE I . 23.69 -13.28 28.32
C1 GOL J . 1.74 -1.52 19.54
O1 GOL J . 1.85 -0.19 19.11
C2 GOL J . 0.69 -1.62 20.63
O2 GOL J . 1.40 -1.76 21.84
C3 GOL J . -0.19 -2.85 20.40
O3 GOL J . -0.66 -2.84 19.08
C1 3YY K . -4.84 7.71 0.70
C2 3YY K . -5.39 8.45 1.73
C3 3YY K . -3.48 7.56 0.60
C4 3YY K . 1.61 8.79 4.25
C5 3YY K . 1.01 9.51 6.47
C6 3YY K . -4.58 9.03 2.67
C7 3YY K . -2.65 8.14 1.54
C8 3YY K . 2.87 8.45 4.70
C9 3YY K . 2.28 9.17 6.90
C10 3YY K . -2.61 10.59 4.20
C11 3YY K . 0.68 9.33 5.13
C12 3YY K . -1.47 10.78 4.96
C13 3YY K . -3.22 8.86 2.56
C14 3YY K . 3.20 8.65 6.02
C15 3YY K . -0.63 9.68 4.65
C16 3YY K . -1.95 11.65 7.19
C17 3YY K . -2.92 13.50 6.32
C18 3YY K . -1.23 11.90 5.90
N19 3YY K . -1.19 8.86 3.75
N20 3YY K . -2.38 9.43 3.50
N21 3YY K . -2.92 12.60 7.34
N22 3YY K . -1.93 13.10 5.46
O23 3YY K . -1.70 10.75 7.98
O24 3YY K . -3.67 14.48 6.20
F25 3YY K . 4.44 8.33 6.45
#